data_6GPN
#
_entry.id   6GPN
#
_cell.length_a   121.380
_cell.length_b   121.380
_cell.length_c   136.570
_cell.angle_alpha   90.000
_cell.angle_beta   90.000
_cell.angle_gamma   90.000
#
_symmetry.space_group_name_H-M   'P 4 21 2'
#
loop_
_entity.id
_entity.type
_entity.pdbx_description
1 polymer 'Glutarate 2-hydroxylase'
2 non-polymer 'FE (II) ION'
3 non-polymer N-OXALYLGLYCINE
4 water water
#
_entity_poly.entity_id   1
_entity_poly.type   'polypeptide(L)'
_entity_poly.pdbx_seq_one_letter_code
;MGSSHHHHHHSSGLVPRGSHMNALTAVQNNAVDSGQDYSGFTLTPSAQSPRLLELTFTEQTTKQFLEQVAEWPVQALEYK
SFLRFRVAKILDDLCANQLQPLLLKTLLNRAEGALLINAVGVDDVKQADEMVKLATAVAHLIGRSNFDAMSGQYYARFVV
KNVDNSDSYLRQPHRVMELHNDGTYVEEITDYVLMMKIDEQNMQGGNSLLLHLDDWEHLDNYFRHPLARRPMRFAAPPSK
NVSKDVFHPVFDVDQQGRPVMRYIDQFVQPKDFEEGVWLSELSDAIETSKGILSVPVPVGKFLLINNLFWLHGRDRFTPH
PDLRRELMRQRGYFAYASNHYQTHQLEHHHHHH
;
_entity_poly.pdbx_strand_id   A,B
#
loop_
_chem_comp.id
_chem_comp.type
_chem_comp.name
_chem_comp.formula
FE2 non-polymer 'FE (II) ION' 'Fe 2'
OGA non-polymer N-OXALYLGLYCINE 'C4 H5 N O5'
#
# COMPACT_ATOMS: atom_id res chain seq x y z
N GLN A 36 13.62 1.83 32.32
CA GLN A 36 13.59 2.85 33.37
C GLN A 36 12.72 2.43 34.55
N ASP A 37 12.60 3.32 35.54
CA ASP A 37 11.74 3.16 36.71
C ASP A 37 10.53 4.07 36.55
N TYR A 38 9.34 3.51 36.70
CA TYR A 38 8.14 4.32 36.51
C TYR A 38 7.44 4.59 37.83
N SER A 39 6.62 5.64 37.82
CA SER A 39 5.87 6.07 39.01
C SER A 39 4.54 5.34 39.08
N GLY A 40 4.36 4.52 40.09
CA GLY A 40 3.11 3.86 40.31
C GLY A 40 3.00 2.46 39.73
N PHE A 41 3.96 2.03 38.91
CA PHE A 41 3.88 0.72 38.28
C PHE A 41 5.27 0.30 37.83
N THR A 42 5.38 -1.00 37.54
CA THR A 42 6.59 -1.60 37.01
C THR A 42 6.31 -2.19 35.64
N LEU A 43 7.35 -2.26 34.82
CA LEU A 43 7.25 -2.73 33.45
C LEU A 43 8.42 -3.67 33.20
N THR A 44 8.12 -4.93 32.90
CA THR A 44 9.13 -5.94 32.66
C THR A 44 8.70 -6.78 31.47
N PRO A 45 9.65 -7.27 30.67
CA PRO A 45 9.27 -8.10 29.52
C PRO A 45 8.76 -9.46 29.96
N SER A 46 7.87 -10.01 29.14
CA SER A 46 7.30 -11.32 29.47
C SER A 46 8.29 -12.42 29.13
N ALA A 47 8.02 -13.61 29.70
CA ALA A 47 8.84 -14.78 29.39
C ALA A 47 8.58 -15.33 28.00
N GLN A 48 7.47 -14.95 27.37
CA GLN A 48 7.14 -15.51 26.06
C GLN A 48 7.74 -14.71 24.92
N SER A 49 7.89 -13.39 25.09
CA SER A 49 8.37 -12.57 24.00
C SER A 49 8.79 -11.21 24.50
N PRO A 50 9.87 -10.64 23.96
CA PRO A 50 10.21 -9.25 24.28
C PRO A 50 9.20 -8.24 23.76
N ARG A 51 8.31 -8.64 22.83
CA ARG A 51 7.29 -7.73 22.32
C ARG A 51 6.13 -7.56 23.28
N LEU A 52 5.95 -8.49 24.21
CA LEU A 52 4.86 -8.46 25.16
C LEU A 52 5.43 -8.00 26.50
N LEU A 53 5.04 -6.81 26.93
CA LEU A 53 5.52 -6.22 28.18
C LEU A 53 4.48 -6.39 29.28
N GLU A 54 4.95 -6.73 30.48
CA GLU A 54 4.08 -6.90 31.63
C GLU A 54 4.10 -5.62 32.46
N LEU A 55 2.94 -5.02 32.64
CA LEU A 55 2.76 -3.79 33.40
C LEU A 55 1.99 -4.15 34.66
N THR A 56 2.56 -3.82 35.82
CA THR A 56 1.96 -4.16 37.10
C THR A 56 1.81 -2.90 37.93
N PHE A 57 0.57 -2.55 38.28
CA PHE A 57 0.34 -1.43 39.17
C PHE A 57 0.62 -1.85 40.62
N THR A 58 1.35 -1.00 41.35
CA THR A 58 1.72 -1.29 42.71
C THR A 58 0.48 -1.24 43.61
N GLU A 59 0.66 -1.67 44.87
CA GLU A 59 -0.43 -1.71 45.84
C GLU A 59 -0.94 -0.33 46.24
N GLN A 60 -0.05 0.55 46.71
CA GLN A 60 -0.37 1.98 46.82
C GLN A 60 -1.01 2.56 45.56
N THR A 61 -0.53 2.29 44.37
CA THR A 61 -1.26 2.83 43.22
C THR A 61 -2.65 2.22 43.15
N THR A 62 -2.77 0.90 43.33
CA THR A 62 -4.06 0.22 43.12
C THR A 62 -5.12 0.63 44.14
N LYS A 63 -4.77 0.63 45.43
CA LYS A 63 -5.76 0.94 46.45
C LYS A 63 -6.16 2.41 46.41
N GLN A 64 -5.23 3.28 46.01
CA GLN A 64 -5.56 4.69 45.85
C GLN A 64 -6.52 4.91 44.70
N PHE A 65 -6.24 4.28 43.56
CA PHE A 65 -7.13 4.37 42.41
C PHE A 65 -8.53 3.90 42.77
N LEU A 66 -8.62 2.72 43.39
CA LEU A 66 -9.92 2.17 43.74
C LEU A 66 -10.65 3.09 44.72
N GLU A 67 -9.92 3.66 45.68
CA GLU A 67 -10.52 4.64 46.59
C GLU A 67 -11.07 5.83 45.81
N GLN A 68 -10.24 6.40 44.93
CA GLN A 68 -10.60 7.65 44.27
C GLN A 68 -11.71 7.47 43.24
N VAL A 69 -11.94 6.24 42.77
CA VAL A 69 -13.01 5.97 41.82
C VAL A 69 -14.16 5.22 42.49
N ALA A 70 -14.14 5.09 43.82
CA ALA A 70 -15.20 4.38 44.51
C ALA A 70 -16.57 5.02 44.30
N GLU A 71 -16.63 6.34 44.12
CA GLU A 71 -17.93 6.98 44.03
C GLU A 71 -18.63 6.77 42.69
N TRP A 72 -17.98 6.16 41.71
CA TRP A 72 -18.61 5.84 40.43
C TRP A 72 -18.61 4.32 40.25
N PRO A 73 -19.73 3.64 40.48
CA PRO A 73 -19.79 2.20 40.17
C PRO A 73 -19.73 1.98 38.67
N VAL A 74 -19.50 0.72 38.30
CA VAL A 74 -19.38 0.32 36.90
C VAL A 74 -20.60 0.78 36.11
N GLN A 75 -21.79 0.70 36.71
CA GLN A 75 -23.00 1.11 36.00
C GLN A 75 -22.99 2.60 35.70
N ALA A 76 -22.27 3.39 36.51
CA ALA A 76 -22.08 4.79 36.20
C ALA A 76 -21.18 4.97 34.99
N LEU A 77 -20.12 4.17 34.89
CA LEU A 77 -19.30 4.19 33.68
C LEU A 77 -20.09 3.75 32.45
N GLU A 78 -21.06 2.83 32.64
CA GLU A 78 -21.88 2.41 31.51
C GLU A 78 -22.77 3.54 31.02
N TYR A 79 -23.37 4.29 31.94
CA TYR A 79 -24.40 5.25 31.57
C TYR A 79 -23.84 6.59 31.12
N LYS A 80 -22.69 7.00 31.65
CA LYS A 80 -22.10 8.30 31.34
C LYS A 80 -20.68 8.08 30.84
N SER A 81 -20.48 8.10 29.52
CA SER A 81 -19.19 7.71 28.98
C SER A 81 -18.06 8.66 29.39
N PHE A 82 -18.35 9.93 29.71
CA PHE A 82 -17.22 10.77 30.10
C PHE A 82 -16.56 10.31 31.40
N LEU A 83 -17.30 9.57 32.25
CA LEU A 83 -16.68 9.00 33.45
C LEU A 83 -15.60 7.99 33.11
N ARG A 84 -15.69 7.35 31.95
CA ARG A 84 -14.62 6.45 31.54
C ARG A 84 -13.31 7.20 31.41
N PHE A 85 -13.38 8.43 30.89
CA PHE A 85 -12.18 9.25 30.78
C PHE A 85 -11.79 9.84 32.13
N ARG A 86 -12.76 10.11 33.01
CA ARG A 86 -12.41 10.64 34.32
C ARG A 86 -11.61 9.63 35.13
N VAL A 87 -12.02 8.35 35.12
CA VAL A 87 -11.26 7.37 35.87
C VAL A 87 -9.92 7.10 35.19
N ALA A 88 -9.87 7.25 33.86
CA ALA A 88 -8.59 7.17 33.16
C ALA A 88 -7.62 8.22 33.68
N LYS A 89 -8.07 9.48 33.73
CA LYS A 89 -7.21 10.55 34.24
C LYS A 89 -6.80 10.28 35.68
N ILE A 90 -7.73 9.81 36.51
CA ILE A 90 -7.42 9.55 37.91
C ILE A 90 -6.28 8.54 38.02
N LEU A 91 -6.34 7.49 37.23
CA LEU A 91 -5.29 6.47 37.26
C LEU A 91 -3.96 7.05 36.77
N ASP A 92 -3.99 7.78 35.66
CA ASP A 92 -2.77 8.37 35.11
C ASP A 92 -2.19 9.42 36.06
N ASP A 93 -3.05 10.18 36.73
CA ASP A 93 -2.57 11.14 37.71
C ASP A 93 -1.85 10.43 38.85
N LEU A 94 -2.36 9.27 39.27
CA LEU A 94 -1.71 8.52 40.34
C LEU A 94 -0.37 7.94 39.90
N CYS A 95 -0.08 7.92 38.61
CA CYS A 95 1.21 7.48 38.08
C CYS A 95 2.06 8.65 37.63
N ALA A 96 1.83 9.83 38.21
CA ALA A 96 2.58 11.04 37.86
C ALA A 96 2.54 11.32 36.36
N ASN A 97 1.44 10.95 35.71
CA ASN A 97 1.26 11.15 34.27
C ASN A 97 2.32 10.44 33.43
N GLN A 98 2.92 9.37 33.97
CA GLN A 98 3.83 8.54 33.19
C GLN A 98 3.12 7.38 32.51
N LEU A 99 1.88 7.09 32.90
CA LEU A 99 1.21 5.90 32.37
C LEU A 99 0.72 6.12 30.94
N GLN A 100 -0.06 7.17 30.70
CA GLN A 100 -0.59 7.42 29.36
C GLN A 100 0.49 7.46 28.28
N PRO A 101 1.57 8.23 28.42
CA PRO A 101 2.60 8.18 27.38
C PRO A 101 3.24 6.82 27.23
N LEU A 102 3.41 6.09 28.34
CA LEU A 102 4.00 4.75 28.24
C LEU A 102 3.07 3.80 27.51
N LEU A 103 1.77 3.84 27.82
CA LEU A 103 0.81 2.98 27.15
C LEU A 103 0.81 3.24 25.65
N LEU A 104 0.76 4.52 25.27
CA LEU A 104 0.74 4.88 23.85
C LEU A 104 2.03 4.48 23.16
N LYS A 105 3.17 4.77 23.77
CA LYS A 105 4.45 4.40 23.20
C LYS A 105 4.51 2.89 22.92
N THR A 106 4.11 2.08 23.90
CA THR A 106 4.18 0.64 23.77
C THR A 106 3.21 0.12 22.71
N LEU A 107 1.95 0.56 22.76
CA LEU A 107 0.96 0.04 21.83
C LEU A 107 1.24 0.47 20.40
N LEU A 108 1.82 1.64 20.21
CA LEU A 108 2.11 2.13 18.86
C LEU A 108 3.46 1.68 18.33
N ASN A 109 4.34 1.16 19.20
CA ASN A 109 5.65 0.71 18.77
C ASN A 109 5.51 -0.59 17.99
N ARG A 110 5.88 -0.56 16.71
CA ARG A 110 5.79 -1.74 15.87
C ARG A 110 6.53 -2.93 16.50
N ALA A 111 7.65 -2.65 17.16
CA ALA A 111 8.44 -3.74 17.76
C ALA A 111 7.72 -4.39 18.94
N GLU A 112 6.73 -3.71 19.54
CA GLU A 112 6.07 -4.21 20.74
C GLU A 112 4.58 -4.30 20.46
N GLY A 113 3.80 -3.32 20.92
CA GLY A 113 2.38 -3.30 20.61
C GLY A 113 1.51 -4.16 21.50
N ALA A 114 2.04 -4.71 22.60
CA ALA A 114 1.26 -5.63 23.40
C ALA A 114 1.62 -5.49 24.87
N LEU A 115 0.59 -5.45 25.73
CA LEU A 115 0.80 -5.38 27.16
C LEU A 115 -0.01 -6.46 27.87
N LEU A 116 0.57 -7.01 28.93
CA LEU A 116 -0.16 -7.79 29.92
C LEU A 116 -0.15 -6.96 31.20
N ILE A 117 -1.33 -6.55 31.65
CA ILE A 117 -1.50 -5.55 32.69
C ILE A 117 -2.23 -6.17 33.88
N ASN A 118 -1.81 -5.80 35.09
CA ASN A 118 -2.46 -6.28 36.30
C ASN A 118 -2.22 -5.26 37.40
N ALA A 119 -2.92 -5.43 38.52
CA ALA A 119 -2.74 -4.55 39.68
C ALA A 119 -2.71 -5.45 40.90
N VAL A 120 -1.61 -5.40 41.66
CA VAL A 120 -1.48 -6.21 42.86
C VAL A 120 -2.70 -6.04 43.76
N GLY A 121 -3.21 -7.17 44.26
CA GLY A 121 -4.38 -7.19 45.10
C GLY A 121 -5.67 -7.32 44.36
N VAL A 122 -5.65 -7.18 43.03
CA VAL A 122 -6.85 -7.37 42.22
C VAL A 122 -6.65 -8.64 41.42
N ASP A 123 -7.09 -9.77 41.99
CA ASP A 123 -6.80 -11.07 41.41
C ASP A 123 -7.86 -12.11 41.76
N ASP A 124 -9.07 -11.69 42.10
CA ASP A 124 -10.13 -12.63 42.47
C ASP A 124 -11.42 -12.18 41.80
N VAL A 125 -12.23 -13.15 41.38
CA VAL A 125 -13.46 -12.86 40.64
C VAL A 125 -14.40 -11.96 41.44
N LYS A 126 -14.31 -12.00 42.77
CA LYS A 126 -15.14 -11.11 43.56
C LYS A 126 -14.78 -9.65 43.35
N GLN A 127 -13.62 -9.36 42.76
CA GLN A 127 -13.19 -8.00 42.44
C GLN A 127 -13.44 -7.65 40.98
N ALA A 128 -14.44 -8.27 40.35
CA ALA A 128 -14.67 -8.08 38.93
C ALA A 128 -14.95 -6.61 38.61
N ASP A 129 -15.67 -5.91 39.50
CA ASP A 129 -15.96 -4.50 39.25
C ASP A 129 -14.69 -3.66 39.27
N GLU A 130 -13.82 -3.90 40.26
CA GLU A 130 -12.52 -3.25 40.27
C GLU A 130 -11.73 -3.56 39.00
N MET A 131 -11.81 -4.81 38.53
CA MET A 131 -11.15 -5.17 37.28
C MET A 131 -11.69 -4.35 36.12
N VAL A 132 -13.01 -4.23 36.01
CA VAL A 132 -13.59 -3.44 34.93
C VAL A 132 -13.18 -1.99 35.05
N LYS A 133 -13.20 -1.43 36.27
CA LYS A 133 -12.78 -0.04 36.45
C LYS A 133 -11.35 0.16 36.00
N LEU A 134 -10.45 -0.73 36.41
CA LEU A 134 -9.05 -0.59 36.07
C LEU A 134 -8.83 -0.69 34.56
N ALA A 135 -9.43 -1.70 33.92
CA ALA A 135 -9.30 -1.85 32.47
C ALA A 135 -9.88 -0.65 31.74
N THR A 136 -11.02 -0.15 32.21
CA THR A 136 -11.63 1.04 31.62
C THR A 136 -10.68 2.23 31.70
N ALA A 137 -10.08 2.45 32.88
CA ALA A 137 -9.16 3.57 33.02
C ALA A 137 -7.99 3.42 32.07
N VAL A 138 -7.46 2.20 31.95
CA VAL A 138 -6.32 2.01 31.05
C VAL A 138 -6.76 2.24 29.60
N ALA A 139 -7.89 1.64 29.19
CA ALA A 139 -8.31 1.76 27.79
C ALA A 139 -8.57 3.22 27.42
N HIS A 140 -9.13 4.01 28.32
CA HIS A 140 -9.52 5.36 27.95
C HIS A 140 -8.41 6.37 28.14
N LEU A 141 -7.20 5.92 28.50
CA LEU A 141 -6.03 6.77 28.34
C LEU A 141 -5.48 6.75 26.91
N ILE A 142 -5.71 5.69 26.15
CA ILE A 142 -5.17 5.54 24.80
C ILE A 142 -6.21 5.71 23.73
N GLY A 143 -7.49 5.76 24.07
CA GLY A 143 -8.53 5.85 23.08
C GLY A 143 -9.90 5.78 23.69
N ARG A 144 -10.80 5.11 23.02
CA ARG A 144 -12.17 4.93 23.50
C ARG A 144 -12.65 3.54 23.09
N SER A 145 -13.27 2.83 24.02
CA SER A 145 -13.80 1.50 23.74
C SER A 145 -15.15 1.58 23.03
N ASN A 146 -15.31 0.79 21.98
CA ASN A 146 -16.51 0.84 21.16
C ASN A 146 -17.65 0.03 21.78
N PHE A 147 -18.87 0.40 21.39
CA PHE A 147 -20.05 -0.34 21.78
C PHE A 147 -19.90 -1.81 21.42
N ASP A 148 -20.26 -2.69 22.36
CA ASP A 148 -20.17 -4.13 22.17
C ASP A 148 -21.59 -4.64 21.98
N ALA A 149 -21.89 -5.10 20.75
CA ALA A 149 -23.26 -5.49 20.41
C ALA A 149 -23.74 -6.64 21.27
N MET A 150 -22.83 -7.49 21.73
CA MET A 150 -23.25 -8.66 22.48
C MET A 150 -23.61 -8.33 23.93
N SER A 151 -23.15 -7.19 24.46
CA SER A 151 -23.49 -6.79 25.81
C SER A 151 -24.35 -5.54 25.87
N GLY A 152 -24.34 -4.73 24.82
CA GLY A 152 -25.01 -3.45 24.86
C GLY A 152 -24.26 -2.39 25.64
N GLN A 153 -23.00 -2.64 25.99
CA GLN A 153 -22.19 -1.70 26.74
C GLN A 153 -20.85 -1.53 26.04
N TYR A 154 -20.02 -0.64 26.60
CA TYR A 154 -18.68 -0.44 26.08
C TYR A 154 -17.72 -1.56 26.45
N TYR A 155 -18.17 -2.54 27.24
CA TYR A 155 -17.41 -3.74 27.54
C TYR A 155 -18.38 -4.91 27.60
N ALA A 156 -17.84 -6.12 27.51
CA ALA A 156 -18.65 -7.33 27.58
C ALA A 156 -17.95 -8.38 28.43
N ARG A 157 -18.73 -9.08 29.24
CA ARG A 157 -18.26 -10.19 30.05
C ARG A 157 -18.89 -11.49 29.57
N PHE A 158 -18.05 -12.52 29.40
CA PHE A 158 -18.48 -13.87 29.02
C PHE A 158 -18.06 -14.86 30.09
N VAL A 159 -18.90 -15.88 30.27
CA VAL A 159 -18.54 -17.03 31.07
C VAL A 159 -18.63 -18.25 30.16
N VAL A 160 -17.65 -19.15 30.27
CA VAL A 160 -17.66 -20.39 29.51
C VAL A 160 -17.78 -21.55 30.49
N LYS A 161 -18.66 -22.51 30.16
CA LYS A 161 -18.88 -23.69 30.98
C LYS A 161 -19.06 -24.91 30.08
N ASN A 162 -19.80 -25.92 30.56
CA ASN A 162 -20.11 -27.13 29.79
C ASN A 162 -18.99 -27.67 28.91
N HIS A 174 -13.33 -25.74 24.08
CA HIS A 174 -12.81 -27.09 23.95
C HIS A 174 -11.85 -27.20 22.77
N ARG A 175 -12.09 -26.38 21.75
CA ARG A 175 -11.26 -26.37 20.55
C ARG A 175 -10.53 -25.04 20.43
N VAL A 176 -9.47 -25.05 19.64
CA VAL A 176 -8.67 -23.84 19.47
C VAL A 176 -9.47 -22.79 18.72
N MET A 177 -9.42 -21.55 19.21
CA MET A 177 -9.99 -20.42 18.50
C MET A 177 -8.90 -19.79 17.65
N GLU A 178 -9.09 -19.79 16.34
CA GLU A 178 -8.03 -19.43 15.42
C GLU A 178 -7.67 -17.95 15.56
N LEU A 179 -6.39 -17.65 15.30
CA LEU A 179 -5.90 -16.29 15.36
C LEU A 179 -6.65 -15.40 14.37
N HIS A 180 -6.87 -14.15 14.77
CA HIS A 180 -7.68 -13.24 13.97
C HIS A 180 -7.51 -11.82 14.52
N ASN A 181 -7.99 -10.86 13.75
CA ASN A 181 -8.19 -9.49 14.21
C ASN A 181 -9.65 -9.27 14.53
N ASP A 182 -9.92 -8.33 15.44
CA ASP A 182 -11.29 -7.93 15.73
C ASP A 182 -11.72 -6.84 14.79
N GLY A 183 -13.04 -6.63 14.72
CA GLY A 183 -13.56 -5.52 13.96
C GLY A 183 -13.40 -5.62 12.46
N THR A 184 -13.26 -6.83 11.90
CA THR A 184 -13.06 -6.96 10.46
C THR A 184 -14.33 -6.73 9.63
N TYR A 185 -15.51 -6.77 10.24
CA TYR A 185 -16.77 -6.69 9.51
C TYR A 185 -17.47 -5.34 9.68
N VAL A 186 -16.76 -4.32 10.16
CA VAL A 186 -17.26 -2.95 10.16
C VAL A 186 -16.23 -2.05 9.51
N GLU A 187 -16.68 -0.86 9.11
CA GLU A 187 -15.82 0.06 8.38
C GLU A 187 -14.74 0.65 9.26
N GLU A 188 -15.10 1.09 10.47
CA GLU A 188 -14.14 1.68 11.40
C GLU A 188 -13.06 0.68 11.78
N ILE A 189 -11.82 1.15 11.86
CA ILE A 189 -10.71 0.31 12.28
C ILE A 189 -10.77 0.13 13.79
N THR A 190 -10.67 -1.13 14.23
CA THR A 190 -10.44 -1.45 15.63
C THR A 190 -8.93 -1.41 15.90
N ASP A 191 -8.49 -0.45 16.70
CA ASP A 191 -7.05 -0.30 16.93
C ASP A 191 -6.56 -1.21 18.03
N TYR A 192 -7.37 -1.46 19.06
CA TYR A 192 -6.86 -2.25 20.18
C TYR A 192 -7.89 -3.27 20.63
N VAL A 193 -7.37 -4.35 21.20
CA VAL A 193 -8.18 -5.39 21.81
C VAL A 193 -7.73 -5.53 23.25
N LEU A 194 -8.70 -5.55 24.16
CA LEU A 194 -8.45 -5.71 25.57
C LEU A 194 -9.21 -6.94 26.03
N MET A 195 -8.49 -7.91 26.59
CA MET A 195 -9.11 -9.14 27.05
C MET A 195 -8.62 -9.41 28.45
N MET A 196 -9.55 -9.50 29.39
CA MET A 196 -9.24 -9.59 30.80
C MET A 196 -9.79 -10.88 31.37
N LYS A 197 -8.99 -11.54 32.19
CA LYS A 197 -9.40 -12.76 32.86
C LYS A 197 -10.07 -12.36 34.16
N ILE A 198 -11.38 -12.55 34.23
CA ILE A 198 -12.16 -12.23 35.42
C ILE A 198 -12.22 -13.42 36.36
N ASP A 199 -12.38 -14.62 35.80
CA ASP A 199 -12.44 -15.81 36.63
C ASP A 199 -11.84 -16.97 35.87
N GLU A 200 -11.31 -17.94 36.63
CA GLU A 200 -10.67 -19.11 36.04
C GLU A 200 -10.64 -20.20 37.09
N GLN A 201 -11.40 -21.24 36.87
CA GLN A 201 -11.50 -22.30 37.86
C GLN A 201 -11.41 -23.60 37.10
N ASN A 202 -10.57 -24.53 37.52
CA ASN A 202 -10.62 -25.86 36.97
C ASN A 202 -10.39 -25.82 35.48
N MET A 203 -9.40 -25.01 35.13
CA MET A 203 -9.04 -24.63 33.78
C MET A 203 -7.62 -25.15 33.54
N GLN A 204 -7.51 -26.15 32.68
CA GLN A 204 -6.24 -26.63 32.17
C GLN A 204 -6.15 -26.15 30.72
N GLY A 205 -5.10 -25.42 30.40
CA GLY A 205 -4.94 -24.93 29.05
C GLY A 205 -5.68 -23.62 28.86
N GLY A 206 -6.09 -23.33 27.63
CA GLY A 206 -6.83 -22.12 27.36
C GLY A 206 -6.00 -20.86 27.33
N ASN A 207 -4.70 -20.96 27.14
CA ASN A 207 -3.88 -19.75 27.05
C ASN A 207 -4.34 -18.88 25.91
N SER A 208 -4.14 -17.58 26.06
CA SER A 208 -4.31 -16.69 24.93
C SER A 208 -3.19 -16.96 23.94
N LEU A 209 -3.54 -17.02 22.66
CA LEU A 209 -2.59 -17.19 21.59
C LEU A 209 -2.40 -15.85 20.92
N LEU A 210 -1.15 -15.50 20.65
CA LEU A 210 -0.83 -14.22 20.03
C LEU A 210 0.12 -14.47 18.87
N LEU A 211 -0.02 -13.66 17.82
CA LEU A 211 0.92 -13.67 16.71
C LEU A 211 1.19 -12.24 16.29
N HIS A 212 2.42 -11.80 16.49
CA HIS A 212 2.89 -10.54 15.93
C HIS A 212 3.28 -10.78 14.49
N LEU A 213 2.82 -9.90 13.58
CA LEU A 213 3.02 -10.12 12.15
C LEU A 213 4.49 -10.27 11.78
N ASP A 214 5.37 -9.59 12.52
CA ASP A 214 6.79 -9.66 12.24
C ASP A 214 7.45 -10.91 12.84
N ASP A 215 6.69 -11.73 13.57
CA ASP A 215 7.15 -13.06 13.96
C ASP A 215 6.55 -14.14 13.08
N TRP A 216 5.73 -13.76 12.10
CA TRP A 216 5.05 -14.70 11.23
C TRP A 216 5.94 -14.99 10.04
N GLU A 217 6.52 -16.20 10.02
CA GLU A 217 7.52 -16.56 9.02
C GLU A 217 6.98 -16.56 7.59
N HIS A 218 5.66 -16.52 7.39
CA HIS A 218 5.10 -16.55 6.05
C HIS A 218 4.56 -15.21 5.62
N LEU A 219 4.83 -14.15 6.39
CA LEU A 219 4.22 -12.85 6.11
C LEU A 219 4.48 -12.39 4.68
N ASP A 220 5.75 -12.44 4.24
CA ASP A 220 6.10 -11.92 2.92
C ASP A 220 5.44 -12.71 1.81
N ASN A 221 5.32 -14.04 1.98
CA ASN A 221 4.72 -14.86 0.95
C ASN A 221 3.27 -14.44 0.70
N TYR A 222 2.50 -14.24 1.75
CA TYR A 222 1.11 -13.88 1.56
C TYR A 222 0.95 -12.39 1.30
N PHE A 223 1.77 -11.55 1.93
CA PHE A 223 1.64 -10.12 1.69
C PHE A 223 1.93 -9.78 0.24
N ARG A 224 2.85 -10.50 -0.42
CA ARG A 224 3.23 -10.14 -1.78
C ARG A 224 2.30 -10.72 -2.82
N HIS A 225 1.35 -11.53 -2.41
CA HIS A 225 0.39 -12.09 -3.35
C HIS A 225 -0.62 -11.03 -3.76
N PRO A 226 -1.01 -10.99 -5.05
CA PRO A 226 -2.02 -10.02 -5.49
C PRO A 226 -3.32 -10.06 -4.69
N LEU A 227 -3.73 -11.22 -4.18
CA LEU A 227 -4.98 -11.28 -3.42
C LEU A 227 -4.86 -10.60 -2.06
N ALA A 228 -3.64 -10.30 -1.62
CA ALA A 228 -3.45 -9.62 -0.35
C ALA A 228 -4.03 -8.21 -0.39
N ARG A 229 -4.06 -7.61 -1.58
CA ARG A 229 -4.54 -6.27 -1.83
C ARG A 229 -5.96 -6.27 -2.40
N ARG A 230 -6.50 -7.44 -2.67
CA ARG A 230 -7.86 -7.56 -3.20
C ARG A 230 -8.87 -7.26 -2.09
N PRO A 231 -9.73 -6.25 -2.24
CA PRO A 231 -10.78 -6.06 -1.22
C PRO A 231 -11.73 -7.25 -1.23
N MET A 232 -11.95 -7.82 -0.06
CA MET A 232 -12.85 -8.96 0.03
C MET A 232 -14.05 -8.58 0.89
N ARG A 233 -15.12 -9.34 0.74
CA ARG A 233 -16.34 -9.09 1.48
C ARG A 233 -16.22 -9.69 2.87
N PHE A 234 -16.60 -8.90 3.88
CA PHE A 234 -16.70 -9.34 5.26
C PHE A 234 -18.12 -9.13 5.73
N ALA A 235 -18.67 -10.13 6.42
CA ALA A 235 -20.06 -10.10 6.88
C ALA A 235 -20.15 -10.74 8.26
N ALA A 236 -20.90 -10.08 9.15
CA ALA A 236 -21.18 -10.61 10.48
C ALA A 236 -22.18 -11.76 10.44
N LYS A 244 -24.64 -4.44 7.70
CA LYS A 244 -24.29 -4.27 6.29
C LYS A 244 -22.87 -4.79 6.03
N ASP A 245 -22.67 -5.35 4.84
CA ASP A 245 -21.37 -5.88 4.46
C ASP A 245 -20.35 -4.77 4.26
N VAL A 246 -19.10 -5.09 4.54
CA VAL A 246 -18.00 -4.19 4.25
C VAL A 246 -16.99 -4.93 3.38
N PHE A 247 -16.21 -4.15 2.65
CA PHE A 247 -15.20 -4.67 1.75
C PHE A 247 -13.85 -4.04 2.09
N HIS A 248 -12.85 -4.87 2.31
CA HIS A 248 -11.50 -4.38 2.52
C HIS A 248 -10.55 -5.56 2.31
N PRO A 249 -9.29 -5.30 1.96
CA PRO A 249 -8.36 -6.41 1.77
C PRO A 249 -8.02 -7.03 3.10
N VAL A 250 -7.53 -8.27 3.06
CA VAL A 250 -7.10 -8.86 4.32
C VAL A 250 -5.84 -8.17 4.83
N PHE A 251 -4.99 -7.69 3.93
CA PHE A 251 -3.76 -6.99 4.29
C PHE A 251 -3.88 -5.52 3.94
N ASP A 252 -3.15 -4.71 4.70
CA ASP A 252 -2.96 -3.32 4.39
C ASP A 252 -1.56 -2.93 4.87
N VAL A 253 -1.28 -1.62 4.86
CA VAL A 253 0.01 -1.13 5.33
C VAL A 253 -0.22 -0.06 6.38
N ASP A 254 0.74 0.05 7.29
CA ASP A 254 0.74 1.18 8.21
C ASP A 254 1.32 2.38 7.48
N GLN A 255 1.59 3.45 8.20
CA GLN A 255 2.04 4.68 7.57
C GLN A 255 3.42 4.54 6.95
N GLN A 256 4.20 3.55 7.36
CA GLN A 256 5.54 3.32 6.86
C GLN A 256 5.58 2.28 5.76
N GLY A 257 4.44 1.73 5.35
CA GLY A 257 4.40 0.67 4.37
C GLY A 257 4.54 -0.73 4.92
N ARG A 258 4.55 -0.90 6.23
CA ARG A 258 4.70 -2.23 6.78
C ARG A 258 3.34 -2.92 6.84
N PRO A 259 3.29 -4.23 6.62
CA PRO A 259 2.00 -4.94 6.58
C PRO A 259 1.25 -4.83 7.91
N VAL A 260 -0.06 -4.62 7.79
CA VAL A 260 -1.01 -4.84 8.87
C VAL A 260 -2.10 -5.76 8.32
N MET A 261 -2.89 -6.33 9.22
CA MET A 261 -3.88 -7.31 8.82
C MET A 261 -5.25 -6.99 9.42
N ARG A 262 -6.26 -7.44 8.70
CA ARG A 262 -7.66 -7.38 9.11
CA ARG A 262 -7.65 -7.38 9.12
C ARG A 262 -8.26 -8.70 8.64
N TYR A 263 -8.08 -9.74 9.44
CA TYR A 263 -8.42 -11.09 9.03
C TYR A 263 -9.15 -11.86 10.12
N ILE A 264 -10.15 -12.62 9.70
CA ILE A 264 -10.76 -13.65 10.52
C ILE A 264 -11.40 -14.65 9.57
N ASP A 265 -11.29 -15.93 9.91
CA ASP A 265 -11.76 -16.95 8.96
C ASP A 265 -13.28 -17.02 8.89
N GLN A 266 -13.99 -16.67 9.98
CA GLN A 266 -15.44 -16.84 10.02
C GLN A 266 -16.16 -15.78 9.20
N PHE A 267 -15.63 -14.58 9.11
CA PHE A 267 -16.39 -13.49 8.53
C PHE A 267 -15.91 -13.08 7.15
N VAL A 268 -14.71 -13.50 6.75
CA VAL A 268 -14.29 -13.26 5.38
C VAL A 268 -15.12 -14.14 4.45
N GLN A 269 -15.57 -13.56 3.32
CA GLN A 269 -16.49 -14.21 2.39
C GLN A 269 -15.84 -14.23 1.02
N PRO A 270 -14.96 -15.18 0.75
CA PRO A 270 -14.36 -15.30 -0.58
C PRO A 270 -15.45 -15.44 -1.64
N LYS A 271 -15.32 -14.66 -2.71
CA LYS A 271 -16.38 -14.64 -3.72
C LYS A 271 -16.26 -15.80 -4.71
N ASP A 272 -15.12 -16.48 -4.78
CA ASP A 272 -14.96 -17.50 -5.79
C ASP A 272 -13.85 -18.47 -5.35
N PHE A 273 -13.61 -19.46 -6.21
CA PHE A 273 -12.65 -20.52 -5.95
C PHE A 273 -11.25 -19.94 -5.73
N GLU A 274 -10.89 -18.93 -6.52
CA GLU A 274 -9.56 -18.35 -6.39
C GLU A 274 -9.36 -17.78 -5.00
N GLU A 275 -10.29 -16.95 -4.53
CA GLU A 275 -10.18 -16.33 -3.20
C GLU A 275 -10.30 -17.37 -2.09
N GLY A 276 -11.18 -18.35 -2.25
CA GLY A 276 -11.40 -19.31 -1.18
C GLY A 276 -10.18 -20.18 -0.93
N VAL A 277 -9.58 -20.71 -2.01
CA VAL A 277 -8.41 -21.57 -1.83
C VAL A 277 -7.28 -20.79 -1.17
N TRP A 278 -7.05 -19.55 -1.62
CA TRP A 278 -5.97 -18.74 -1.04
C TRP A 278 -6.22 -18.48 0.44
N LEU A 279 -7.45 -18.12 0.81
CA LEU A 279 -7.74 -17.86 2.22
C LEU A 279 -7.54 -19.13 3.05
N SER A 280 -7.90 -20.28 2.50
CA SER A 280 -7.71 -21.51 3.25
C SER A 280 -6.22 -21.83 3.41
N GLU A 281 -5.38 -21.46 2.45
CA GLU A 281 -3.93 -21.59 2.65
C GLU A 281 -3.42 -20.56 3.66
N LEU A 282 -3.91 -19.32 3.55
CA LEU A 282 -3.55 -18.28 4.53
C LEU A 282 -3.88 -18.73 5.94
N SER A 283 -5.10 -19.24 6.12
CA SER A 283 -5.52 -19.74 7.43
C SER A 283 -4.53 -20.77 7.96
N ASP A 284 -4.17 -21.75 7.12
CA ASP A 284 -3.21 -22.78 7.53
C ASP A 284 -1.85 -22.19 7.87
N ALA A 285 -1.39 -21.25 7.04
CA ALA A 285 -0.08 -20.66 7.29
C ALA A 285 -0.07 -19.87 8.59
N ILE A 286 -1.21 -19.31 9.00
CA ILE A 286 -1.26 -18.59 10.27
C ILE A 286 -1.33 -19.56 11.43
N GLU A 287 -2.20 -20.57 11.34
CA GLU A 287 -2.47 -21.45 12.47
C GLU A 287 -1.26 -22.32 12.81
N THR A 288 -0.42 -22.65 11.82
CA THR A 288 0.77 -23.45 12.04
C THR A 288 2.04 -22.61 12.22
N SER A 289 1.91 -21.30 12.34
CA SER A 289 3.09 -20.45 12.45
C SER A 289 3.88 -20.78 13.71
N LYS A 290 5.20 -20.86 13.55
CA LYS A 290 6.09 -21.08 14.68
C LYS A 290 6.22 -19.85 15.56
N GLY A 291 5.69 -18.71 15.12
CA GLY A 291 5.83 -17.49 15.87
C GLY A 291 4.77 -17.24 16.89
N ILE A 292 3.79 -18.14 17.00
CA ILE A 292 2.65 -17.93 17.90
C ILE A 292 3.13 -17.95 19.34
N LEU A 293 2.67 -16.97 20.14
CA LEU A 293 2.94 -16.98 21.57
C LEU A 293 1.80 -17.64 22.33
N SER A 294 2.14 -18.34 23.40
CA SER A 294 1.12 -18.97 24.25
C SER A 294 1.21 -18.36 25.64
N VAL A 295 0.23 -17.53 25.96
CA VAL A 295 0.34 -16.67 27.15
C VAL A 295 -0.75 -17.04 28.16
N PRO A 296 -0.39 -17.56 29.33
CA PRO A 296 -1.38 -17.67 30.40
C PRO A 296 -1.83 -16.27 30.82
N VAL A 297 -3.13 -16.13 31.04
CA VAL A 297 -3.66 -14.86 31.53
C VAL A 297 -4.36 -15.11 32.85
N PRO A 298 -3.64 -14.99 33.97
CA PRO A 298 -4.24 -15.25 35.28
C PRO A 298 -5.32 -14.24 35.60
N VAL A 299 -6.19 -14.64 36.54
CA VAL A 299 -7.29 -13.79 36.98
C VAL A 299 -6.75 -12.44 37.43
N GLY A 300 -7.38 -11.36 36.94
CA GLY A 300 -6.96 -10.02 37.23
C GLY A 300 -6.00 -9.42 36.24
N LYS A 301 -5.46 -10.21 35.33
CA LYS A 301 -4.57 -9.70 34.30
C LYS A 301 -5.35 -9.51 33.01
N PHE A 302 -4.91 -8.57 32.19
CA PHE A 302 -5.52 -8.44 30.87
C PHE A 302 -4.45 -8.14 29.84
N LEU A 303 -4.65 -8.73 28.65
CA LEU A 303 -3.86 -8.37 27.48
C LEU A 303 -4.47 -7.13 26.84
N LEU A 304 -3.60 -6.24 26.37
CA LEU A 304 -3.99 -5.05 25.64
C LEU A 304 -3.06 -4.96 24.45
N ILE A 305 -3.59 -5.17 23.24
CA ILE A 305 -2.73 -5.38 22.08
C ILE A 305 -3.15 -4.51 20.92
N ASN A 306 -2.18 -4.15 20.09
CA ASN A 306 -2.44 -3.43 18.85
C ASN A 306 -3.05 -4.41 17.85
N ASN A 307 -4.33 -4.21 17.55
CA ASN A 307 -5.14 -5.11 16.73
C ASN A 307 -4.75 -5.09 15.26
N LEU A 308 -3.81 -4.22 14.86
CA LEU A 308 -3.42 -4.14 13.46
C LEU A 308 -2.26 -5.04 13.09
N PHE A 309 -1.29 -5.24 13.99
CA PHE A 309 -0.18 -6.13 13.68
C PHE A 309 -0.04 -7.25 14.70
N TRP A 310 -0.99 -7.41 15.60
CA TRP A 310 -1.11 -8.61 16.40
C TRP A 310 -2.41 -9.30 16.02
N LEU A 311 -2.33 -10.62 15.84
CA LEU A 311 -3.51 -11.46 15.81
C LEU A 311 -3.60 -12.16 17.15
N HIS A 312 -4.81 -12.49 17.57
CA HIS A 312 -5.01 -13.15 18.85
C HIS A 312 -6.01 -14.28 18.68
N GLY A 313 -5.93 -15.23 19.59
CA GLY A 313 -6.77 -16.40 19.59
C GLY A 313 -6.70 -17.07 20.95
N ARG A 314 -7.14 -18.31 20.99
CA ARG A 314 -7.16 -18.99 22.28
C ARG A 314 -6.93 -20.48 22.06
N ASP A 315 -6.08 -21.05 22.92
CA ASP A 315 -5.74 -22.46 22.83
C ASP A 315 -6.89 -23.32 23.30
N ARG A 316 -6.83 -24.61 22.94
CA ARG A 316 -7.83 -25.54 23.43
C ARG A 316 -7.62 -25.74 24.92
N PHE A 317 -8.71 -26.00 25.62
CA PHE A 317 -8.64 -26.28 27.05
C PHE A 317 -9.33 -27.60 27.35
N THR A 318 -9.07 -28.09 28.55
CA THR A 318 -9.59 -29.37 28.96
C THR A 318 -11.01 -29.23 29.46
N PRO A 319 -11.99 -29.92 28.89
CA PRO A 319 -13.36 -29.87 29.43
C PRO A 319 -13.39 -30.45 30.83
N HIS A 320 -14.10 -29.77 31.72
CA HIS A 320 -14.22 -30.28 33.07
C HIS A 320 -15.55 -29.83 33.63
N PRO A 321 -16.29 -30.72 34.28
CA PRO A 321 -17.59 -30.33 34.86
C PRO A 321 -17.56 -29.05 35.66
N ASP A 322 -16.55 -28.85 36.48
CA ASP A 322 -16.49 -27.66 37.32
C ASP A 322 -15.83 -26.47 36.61
N LEU A 323 -15.53 -26.57 35.32
CA LEU A 323 -14.78 -25.53 34.66
C LEU A 323 -15.60 -24.25 34.56
N ARG A 324 -15.00 -23.14 34.98
CA ARG A 324 -15.61 -21.82 34.79
C ARG A 324 -14.49 -20.84 34.46
N ARG A 325 -14.63 -20.14 33.33
CA ARG A 325 -13.70 -19.08 32.95
C ARG A 325 -14.53 -17.88 32.52
N GLU A 326 -14.31 -16.74 33.18
CA GLU A 326 -15.00 -15.51 32.84
C GLU A 326 -14.01 -14.53 32.22
N LEU A 327 -14.40 -13.93 31.10
CA LEU A 327 -13.56 -12.99 30.40
C LEU A 327 -14.28 -11.66 30.31
N MET A 328 -13.49 -10.59 30.21
CA MET A 328 -14.04 -9.28 29.92
C MET A 328 -13.27 -8.73 28.73
N ARG A 329 -13.98 -8.16 27.77
CA ARG A 329 -13.34 -7.65 26.58
C ARG A 329 -13.74 -6.20 26.35
N GLN A 330 -12.81 -5.45 25.78
CA GLN A 330 -13.06 -4.13 25.24
C GLN A 330 -12.30 -4.04 23.92
N ARG A 331 -12.89 -3.32 22.97
CA ARG A 331 -12.27 -3.04 21.69
C ARG A 331 -12.51 -1.58 21.37
N GLY A 332 -11.50 -0.91 20.83
CA GLY A 332 -11.70 0.50 20.55
C GLY A 332 -10.68 1.02 19.57
N TYR A 333 -10.69 2.33 19.42
CA TYR A 333 -9.75 2.99 18.53
C TYR A 333 -8.77 3.81 19.37
N PHE A 334 -7.60 4.06 18.80
CA PHE A 334 -6.66 4.99 19.42
C PHE A 334 -7.14 6.44 19.22
N ALA A 335 -6.88 7.27 20.23
CA ALA A 335 -7.07 8.72 20.11
C ALA A 335 -6.14 9.36 21.11
N TYR A 336 -5.27 10.25 20.64
CA TYR A 336 -4.22 10.79 21.49
C TYR A 336 -3.67 12.05 20.86
N ALA A 337 -3.12 12.92 21.71
CA ALA A 337 -2.49 14.15 21.26
C ALA A 337 -1.13 13.86 20.62
N SER A 338 -0.83 14.57 19.54
CA SER A 338 0.47 14.48 18.88
C SER A 338 0.72 15.79 18.14
N ASN A 339 1.99 16.07 17.88
CA ASN A 339 2.35 17.28 17.13
C ASN A 339 2.24 16.97 15.64
N HIS A 340 1.23 17.53 14.98
CA HIS A 340 1.01 17.33 13.55
C HIS A 340 0.24 18.53 12.99
N TYR A 341 0.05 18.53 11.68
CA TYR A 341 -0.42 19.72 10.98
C TYR A 341 -1.92 19.94 11.10
N GLN A 342 -2.29 21.23 11.13
CA GLN A 342 -3.68 21.69 11.23
C GLN A 342 -3.98 22.80 10.22
N GLN B 36 16.36 -13.77 -29.08
CA GLN B 36 16.73 -12.42 -29.47
C GLN B 36 16.28 -12.13 -30.89
N ASP B 37 16.07 -13.21 -31.67
CA ASP B 37 15.50 -13.12 -33.01
C ASP B 37 14.09 -13.69 -32.95
N TYR B 38 13.11 -12.85 -33.27
CA TYR B 38 11.69 -13.10 -33.31
C TYR B 38 11.23 -13.02 -34.76
N SER B 39 9.98 -13.35 -35.03
CA SER B 39 9.49 -13.28 -36.39
C SER B 39 9.18 -11.82 -36.70
N GLY B 40 9.94 -11.22 -37.62
CA GLY B 40 9.68 -9.87 -38.06
C GLY B 40 10.47 -8.78 -37.36
N PHE B 41 11.20 -9.09 -36.29
CA PHE B 41 11.93 -8.05 -35.56
C PHE B 41 13.04 -8.66 -34.72
N THR B 42 13.96 -7.81 -34.29
CA THR B 42 15.02 -8.23 -33.37
C THR B 42 14.89 -7.46 -32.07
N LEU B 43 15.38 -8.05 -31.00
CA LEU B 43 15.29 -7.51 -29.66
C LEU B 43 16.66 -7.65 -29.01
N THR B 44 17.25 -6.52 -28.63
CA THR B 44 18.58 -6.49 -28.03
C THR B 44 18.62 -5.48 -26.88
N PRO B 45 19.43 -5.76 -25.86
CA PRO B 45 19.55 -4.81 -24.73
C PRO B 45 20.29 -3.53 -25.12
N SER B 46 19.93 -2.44 -24.45
CA SER B 46 20.53 -1.16 -24.75
C SER B 46 21.91 -1.00 -24.12
N ALA B 47 22.65 -0.02 -24.62
CA ALA B 47 23.93 0.35 -24.05
C ALA B 47 23.78 1.06 -22.70
N GLN B 48 22.57 1.56 -22.38
CA GLN B 48 22.37 2.28 -21.13
C GLN B 48 21.98 1.37 -19.98
N SER B 49 21.21 0.31 -20.26
CA SER B 49 20.71 -0.53 -19.18
C SER B 49 20.16 -1.85 -19.71
N PRO B 50 20.33 -2.95 -18.97
CA PRO B 50 19.64 -4.19 -19.34
C PRO B 50 18.12 -4.09 -19.21
N ARG B 51 17.60 -3.08 -18.51
CA ARG B 51 16.16 -2.92 -18.40
C ARG B 51 15.52 -2.32 -19.63
N LEU B 52 16.29 -1.63 -20.47
CA LEU B 52 15.79 -1.00 -21.68
C LEU B 52 16.18 -1.87 -22.87
N LEU B 53 15.19 -2.45 -23.53
CA LEU B 53 15.43 -3.34 -24.66
C LEU B 53 15.16 -2.59 -25.95
N GLU B 54 16.00 -2.83 -26.96
CA GLU B 54 15.83 -2.21 -28.27
C GLU B 54 15.14 -3.18 -29.21
N LEU B 55 13.98 -2.79 -29.71
CA LEU B 55 13.17 -3.59 -30.63
C LEU B 55 13.26 -2.95 -32.01
N THR B 56 13.69 -3.72 -33.01
CA THR B 56 13.86 -3.20 -34.35
C THR B 56 13.09 -4.07 -35.34
N PHE B 57 12.12 -3.48 -36.02
CA PHE B 57 11.40 -4.21 -37.06
C PHE B 57 12.28 -4.28 -38.30
N THR B 58 12.34 -5.47 -38.91
CA THR B 58 13.18 -5.67 -40.09
C THR B 58 12.67 -4.83 -41.24
N GLU B 59 13.50 -4.74 -42.28
CA GLU B 59 13.12 -3.98 -43.47
C GLU B 59 11.91 -4.59 -44.15
N GLN B 60 11.94 -5.91 -44.34
CA GLN B 60 10.80 -6.61 -44.92
C GLN B 60 9.53 -6.32 -44.13
N THR B 61 9.59 -6.47 -42.80
CA THR B 61 8.40 -6.20 -42.00
C THR B 61 7.95 -4.77 -42.18
N THR B 62 8.90 -3.83 -42.15
CA THR B 62 8.54 -2.42 -42.22
C THR B 62 7.88 -2.10 -43.56
N LYS B 63 8.40 -2.63 -44.66
CA LYS B 63 7.81 -2.29 -45.95
C LYS B 63 6.45 -2.97 -46.13
N GLN B 64 6.29 -4.18 -45.59
CA GLN B 64 5.00 -4.86 -45.69
C GLN B 64 3.94 -4.14 -44.87
N PHE B 65 4.30 -3.74 -43.64
CA PHE B 65 3.37 -2.98 -42.81
C PHE B 65 2.91 -1.71 -43.51
N LEU B 66 3.86 -0.93 -44.02
CA LEU B 66 3.51 0.34 -44.65
C LEU B 66 2.66 0.13 -45.89
N GLU B 67 2.96 -0.90 -46.68
CA GLU B 67 2.12 -1.23 -47.82
C GLU B 67 0.71 -1.57 -47.37
N GLN B 68 0.59 -2.40 -46.33
CA GLN B 68 -0.72 -2.87 -45.93
C GLN B 68 -1.55 -1.80 -45.24
N VAL B 69 -0.92 -0.75 -44.70
CA VAL B 69 -1.68 0.31 -44.05
C VAL B 69 -1.72 1.57 -44.89
N ALA B 70 -1.27 1.50 -46.14
CA ALA B 70 -1.27 2.65 -47.03
C ALA B 70 -2.68 3.21 -47.23
N GLU B 71 -3.70 2.36 -47.20
CA GLU B 71 -5.03 2.90 -47.51
C GLU B 71 -5.63 3.73 -46.38
N TRP B 72 -5.00 3.78 -45.22
CA TRP B 72 -5.49 4.63 -44.11
C TRP B 72 -4.47 5.69 -43.78
N PRO B 73 -4.66 6.92 -44.22
CA PRO B 73 -3.77 8.00 -43.79
C PRO B 73 -3.96 8.29 -42.32
N VAL B 74 -2.99 9.00 -41.76
CA VAL B 74 -3.02 9.33 -40.34
C VAL B 74 -4.35 9.99 -39.98
N GLN B 75 -4.86 10.84 -40.87
CA GLN B 75 -6.11 11.52 -40.53
C GLN B 75 -7.27 10.54 -40.43
N ALA B 76 -7.21 9.40 -41.13
CA ALA B 76 -8.22 8.38 -40.89
C ALA B 76 -8.05 7.75 -39.52
N LEU B 77 -6.79 7.49 -39.11
CA LEU B 77 -6.56 7.00 -37.75
C LEU B 77 -7.01 8.01 -36.72
N GLU B 78 -6.91 9.30 -37.03
CA GLU B 78 -7.37 10.32 -36.10
C GLU B 78 -8.88 10.26 -35.92
N TYR B 79 -9.61 10.07 -37.03
CA TYR B 79 -11.06 10.19 -37.02
C TYR B 79 -11.78 8.90 -36.61
N LYS B 80 -11.20 7.74 -36.91
CA LYS B 80 -11.86 6.46 -36.61
C LYS B 80 -10.94 5.66 -35.69
N SER B 81 -11.21 5.68 -34.39
CA SER B 81 -10.23 5.08 -33.48
C SER B 81 -10.10 3.57 -33.71
N PHE B 82 -11.12 2.90 -34.25
CA PHE B 82 -10.93 1.47 -34.45
C PHE B 82 -9.82 1.17 -35.45
N LEU B 83 -9.52 2.11 -36.36
CA LEU B 83 -8.42 1.90 -37.29
C LEU B 83 -7.09 1.83 -36.55
N ARG B 84 -6.99 2.46 -35.39
CA ARG B 84 -5.78 2.33 -34.60
C ARG B 84 -5.53 0.87 -34.24
N PHE B 85 -6.59 0.13 -33.92
CA PHE B 85 -6.45 -1.29 -33.61
C PHE B 85 -6.29 -2.13 -34.88
N ARG B 86 -6.86 -1.69 -36.00
CA ARG B 86 -6.68 -2.43 -37.24
C ARG B 86 -5.21 -2.43 -37.66
N VAL B 87 -4.54 -1.26 -37.59
CA VAL B 87 -3.14 -1.25 -37.99
C VAL B 87 -2.28 -1.97 -36.95
N ALA B 88 -2.70 -1.95 -35.69
CA ALA B 88 -2.03 -2.77 -34.68
C ALA B 88 -2.11 -4.24 -35.06
N LYS B 89 -3.31 -4.72 -35.39
CA LYS B 89 -3.46 -6.12 -35.78
C LYS B 89 -2.61 -6.44 -37.00
N ILE B 90 -2.57 -5.54 -37.99
CA ILE B 90 -1.78 -5.77 -39.20
C ILE B 90 -0.31 -5.94 -38.86
N LEU B 91 0.21 -5.07 -38.00
CA LEU B 91 1.63 -5.15 -37.64
C LEU B 91 1.92 -6.45 -36.89
N ASP B 92 1.06 -6.80 -35.91
CA ASP B 92 1.29 -8.03 -35.15
C ASP B 92 1.17 -9.27 -36.02
N ASP B 93 0.24 -9.27 -37.00
CA ASP B 93 0.10 -10.40 -37.91
C ASP B 93 1.37 -10.60 -38.74
N LEU B 94 2.01 -9.51 -39.17
CA LEU B 94 3.26 -9.61 -39.92
C LEU B 94 4.40 -10.12 -39.07
N CYS B 95 4.26 -10.12 -37.75
CA CYS B 95 5.25 -10.66 -36.83
C CYS B 95 4.81 -12.01 -36.27
N ALA B 96 4.02 -12.76 -37.04
CA ALA B 96 3.54 -14.09 -36.65
C ALA B 96 2.88 -14.06 -35.28
N ASN B 97 2.26 -12.91 -34.95
CA ASN B 97 1.59 -12.72 -33.67
C ASN B 97 2.54 -12.90 -32.48
N GLN B 98 3.83 -12.70 -32.70
CA GLN B 98 4.79 -12.72 -31.61
C GLN B 98 5.02 -11.36 -30.99
N LEU B 99 4.56 -10.30 -31.66
CA LEU B 99 4.86 -8.94 -31.23
C LEU B 99 4.03 -8.55 -30.02
N GLN B 100 2.71 -8.71 -30.11
CA GLN B 100 1.85 -8.32 -28.98
C GLN B 100 2.24 -9.00 -27.69
N PRO B 101 2.43 -10.33 -27.61
CA PRO B 101 2.84 -10.92 -26.34
C PRO B 101 4.19 -10.43 -25.87
N LEU B 102 5.12 -10.18 -26.79
CA LEU B 102 6.44 -9.68 -26.38
C LEU B 102 6.36 -8.27 -25.81
N LEU B 103 5.60 -7.39 -26.45
CA LEU B 103 5.41 -6.04 -25.93
C LEU B 103 4.80 -6.08 -24.54
N LEU B 104 3.76 -6.90 -24.37
CA LEU B 104 3.10 -6.98 -23.06
C LEU B 104 4.03 -7.55 -22.00
N LYS B 105 4.72 -8.64 -22.31
CA LYS B 105 5.66 -9.24 -21.37
C LYS B 105 6.71 -8.21 -20.93
N THR B 106 7.28 -7.48 -21.89
CA THR B 106 8.35 -6.52 -21.56
C THR B 106 7.82 -5.35 -20.74
N LEU B 107 6.71 -4.75 -21.19
CA LEU B 107 6.22 -3.56 -20.50
C LEU B 107 5.72 -3.90 -19.10
N LEU B 108 5.16 -5.10 -18.92
CA LEU B 108 4.65 -5.46 -17.61
C LEU B 108 5.72 -6.06 -16.72
N ASN B 109 6.86 -6.44 -17.26
CA ASN B 109 7.92 -7.05 -16.48
C ASN B 109 8.55 -5.98 -15.59
N ARG B 110 8.41 -6.14 -14.27
CA ARG B 110 9.00 -5.19 -13.32
C ARG B 110 10.48 -4.98 -13.57
N ALA B 111 11.19 -6.04 -13.98
CA ALA B 111 12.63 -5.91 -14.22
C ALA B 111 12.95 -5.04 -15.43
N GLU B 112 12.00 -4.84 -16.34
CA GLU B 112 12.27 -4.18 -17.60
C GLU B 112 11.35 -3.00 -17.70
N GLY B 113 10.24 -3.11 -18.47
CA GLY B 113 9.24 -2.08 -18.56
C GLY B 113 9.56 -0.99 -19.56
N ALA B 114 10.58 -1.16 -20.38
CA ALA B 114 10.97 -0.07 -21.26
C ALA B 114 11.47 -0.62 -22.58
N LEU B 115 11.02 -0.03 -23.67
CA LEU B 115 11.46 -0.39 -25.01
C LEU B 115 11.89 0.85 -25.77
N LEU B 116 12.94 0.69 -26.57
CA LEU B 116 13.31 1.62 -27.62
C LEU B 116 13.05 0.92 -28.95
N ILE B 117 12.14 1.49 -29.74
CA ILE B 117 11.56 0.80 -30.89
C ILE B 117 11.85 1.59 -32.15
N ASN B 118 12.15 0.88 -33.23
CA ASN B 118 12.33 1.52 -34.52
C ASN B 118 12.06 0.49 -35.61
N ALA B 119 12.03 0.98 -36.85
CA ALA B 119 11.77 0.15 -38.02
C ALA B 119 12.80 0.51 -39.08
N VAL B 120 13.57 -0.49 -39.52
CA VAL B 120 14.60 -0.23 -40.52
C VAL B 120 13.99 0.47 -41.71
N GLY B 121 14.63 1.54 -42.16
CA GLY B 121 14.16 2.34 -43.27
C GLY B 121 13.25 3.50 -42.91
N VAL B 122 12.76 3.59 -41.67
CA VAL B 122 11.94 4.73 -41.27
C VAL B 122 12.74 5.57 -40.29
N ASP B 123 13.45 6.58 -40.80
CA ASP B 123 14.39 7.30 -39.97
C ASP B 123 14.55 8.75 -40.43
N ASP B 124 13.58 9.30 -41.15
CA ASP B 124 13.69 10.65 -41.65
C ASP B 124 12.37 11.37 -41.46
N VAL B 125 12.46 12.68 -41.17
CA VAL B 125 11.30 13.50 -40.87
C VAL B 125 10.27 13.46 -41.99
N LYS B 126 10.71 13.22 -43.23
CA LYS B 126 9.75 13.11 -44.32
C LYS B 126 8.85 11.89 -44.17
N GLN B 127 9.23 10.93 -43.33
CA GLN B 127 8.46 9.73 -43.06
C GLN B 127 7.65 9.84 -41.79
N ALA B 128 7.31 11.07 -41.37
CA ALA B 128 6.64 11.26 -40.09
C ALA B 128 5.30 10.53 -40.03
N ASP B 129 4.56 10.50 -41.14
CA ASP B 129 3.27 9.81 -41.10
C ASP B 129 3.45 8.31 -40.88
N GLU B 130 4.41 7.71 -41.58
CA GLU B 130 4.74 6.31 -41.33
C GLU B 130 5.15 6.10 -39.88
N MET B 131 5.90 7.05 -39.33
CA MET B 131 6.30 6.98 -37.92
C MET B 131 5.08 6.97 -37.02
N VAL B 132 4.13 7.87 -37.26
CA VAL B 132 2.91 7.90 -36.46
C VAL B 132 2.15 6.59 -36.61
N LYS B 133 2.04 6.08 -37.83
CA LYS B 133 1.37 4.81 -38.06
C LYS B 133 2.01 3.70 -37.25
N LEU B 134 3.35 3.65 -37.29
CA LEU B 134 4.08 2.60 -36.59
C LEU B 134 3.87 2.66 -35.09
N ALA B 135 4.03 3.84 -34.50
CA ALA B 135 3.83 3.98 -33.06
C ALA B 135 2.39 3.68 -32.68
N THR B 136 1.45 4.12 -33.51
CA THR B 136 0.05 3.83 -33.23
C THR B 136 -0.19 2.33 -33.20
N ALA B 137 0.35 1.60 -34.19
CA ALA B 137 0.15 0.16 -34.25
C ALA B 137 0.74 -0.52 -33.02
N VAL B 138 1.93 -0.11 -32.60
CA VAL B 138 2.54 -0.71 -31.43
C VAL B 138 1.70 -0.38 -30.18
N ALA B 139 1.32 0.90 -30.01
CA ALA B 139 0.60 1.29 -28.81
C ALA B 139 -0.72 0.52 -28.68
N HIS B 140 -1.43 0.30 -29.80
CA HIS B 140 -2.75 -0.29 -29.68
C HIS B 140 -2.73 -1.81 -29.71
N LEU B 141 -1.52 -2.40 -29.68
CA LEU B 141 -1.39 -3.80 -29.32
C LEU B 141 -1.44 -4.02 -27.82
N ILE B 142 -1.06 -3.02 -27.02
CA ILE B 142 -0.96 -3.18 -25.58
C ILE B 142 -2.03 -2.43 -24.82
N GLY B 143 -2.77 -1.55 -25.48
CA GLY B 143 -3.76 -0.75 -24.81
C GLY B 143 -4.35 0.26 -25.76
N ARG B 144 -4.62 1.46 -25.27
CA ARG B 144 -5.22 2.50 -26.09
C ARG B 144 -4.63 3.85 -25.70
N SER B 145 -4.28 4.64 -26.70
CA SER B 145 -3.75 5.97 -26.43
C SER B 145 -4.89 6.96 -26.15
N ASN B 146 -4.72 7.76 -25.10
CA ASN B 146 -5.73 8.70 -24.62
C ASN B 146 -5.71 10.00 -25.40
N PHE B 147 -6.81 10.73 -25.30
CA PHE B 147 -6.91 12.06 -25.88
C PHE B 147 -5.80 12.96 -25.35
N ASP B 148 -5.18 13.73 -26.25
CA ASP B 148 -4.12 14.65 -25.91
C ASP B 148 -4.66 16.07 -26.01
N ALA B 149 -4.75 16.76 -24.86
CA ALA B 149 -5.35 18.09 -24.84
C ALA B 149 -4.55 19.09 -25.70
N MET B 150 -3.23 18.86 -25.87
CA MET B 150 -2.41 19.82 -26.60
C MET B 150 -2.66 19.75 -28.10
N SER B 151 -3.12 18.62 -28.61
CA SER B 151 -3.37 18.50 -30.04
C SER B 151 -4.82 18.27 -30.39
N GLY B 152 -5.63 17.76 -29.45
CA GLY B 152 -6.97 17.37 -29.78
C GLY B 152 -7.04 16.03 -30.49
N GLN B 153 -5.96 15.28 -30.48
CA GLN B 153 -5.91 13.97 -31.11
C GLN B 153 -5.37 12.97 -30.10
N TYR B 154 -5.31 11.70 -30.51
CA TYR B 154 -4.78 10.63 -29.68
C TYR B 154 -3.25 10.64 -29.62
N TYR B 155 -2.60 11.52 -30.36
CA TYR B 155 -1.18 11.76 -30.27
C TYR B 155 -0.96 13.26 -30.47
N ALA B 156 0.22 13.72 -30.09
CA ALA B 156 0.59 15.10 -30.31
C ALA B 156 2.02 15.15 -30.83
N ARG B 157 2.24 16.03 -31.80
CA ARG B 157 3.54 16.35 -32.35
C ARG B 157 3.83 17.79 -31.98
N PHE B 158 5.01 18.04 -31.43
CA PHE B 158 5.46 19.39 -31.18
C PHE B 158 6.86 19.58 -31.73
N VAL B 159 7.14 20.81 -32.13
CA VAL B 159 8.44 21.19 -32.64
C VAL B 159 9.09 22.12 -31.65
N VAL B 160 10.38 21.88 -31.41
CA VAL B 160 11.21 22.71 -30.54
C VAL B 160 12.19 23.45 -31.44
N LYS B 161 12.32 24.75 -31.23
CA LYS B 161 13.23 25.57 -32.03
C LYS B 161 14.02 26.45 -31.09
N ASN B 162 14.49 27.61 -31.53
CA ASN B 162 15.27 28.44 -30.61
C ASN B 162 14.42 29.54 -29.98
N HIS B 174 17.53 23.84 -23.27
CA HIS B 174 18.35 24.82 -22.57
C HIS B 174 18.47 24.48 -21.07
N ARG B 175 17.38 23.98 -20.49
CA ARG B 175 17.35 23.50 -19.11
C ARG B 175 16.83 22.06 -19.09
N VAL B 176 17.17 21.34 -18.03
CA VAL B 176 16.74 19.95 -17.88
C VAL B 176 15.25 19.89 -17.55
N MET B 177 14.52 18.97 -18.19
CA MET B 177 13.14 18.70 -17.82
C MET B 177 13.12 17.58 -16.78
N GLU B 178 12.65 17.88 -15.57
CA GLU B 178 12.84 16.97 -14.45
C GLU B 178 12.08 15.67 -14.65
N LEU B 179 12.66 14.59 -14.12
CA LEU B 179 12.05 13.28 -14.19
C LEU B 179 10.68 13.32 -13.52
N HIS B 180 9.74 12.59 -14.09
CA HIS B 180 8.36 12.62 -13.63
C HIS B 180 7.57 11.49 -14.28
N ASN B 181 6.37 11.28 -13.77
CA ASN B 181 5.37 10.48 -14.45
C ASN B 181 4.36 11.38 -15.14
N ASP B 182 3.74 10.88 -16.20
CA ASP B 182 2.64 11.55 -16.88
C ASP B 182 1.33 11.18 -16.21
N GLY B 183 0.30 11.97 -16.53
CA GLY B 183 -1.04 11.67 -16.11
C GLY B 183 -1.29 11.81 -14.62
N THR B 184 -0.45 12.56 -13.91
CA THR B 184 -0.62 12.66 -12.47
C THR B 184 -1.80 13.53 -12.05
N TYR B 185 -2.35 14.34 -12.95
CA TYR B 185 -3.41 15.28 -12.61
C TYR B 185 -4.78 14.84 -13.13
N VAL B 186 -4.94 13.57 -13.51
CA VAL B 186 -6.26 13.02 -13.81
C VAL B 186 -6.45 11.75 -12.99
N GLU B 187 -7.71 11.32 -12.90
CA GLU B 187 -8.03 10.18 -12.04
C GLU B 187 -7.55 8.87 -12.64
N GLU B 188 -7.78 8.68 -13.94
CA GLU B 188 -7.35 7.47 -14.62
C GLU B 188 -5.82 7.34 -14.62
N ILE B 189 -5.34 6.12 -14.45
CA ILE B 189 -3.91 5.85 -14.49
C ILE B 189 -3.44 5.81 -15.94
N THR B 190 -2.38 6.55 -16.21
CA THR B 190 -1.61 6.42 -17.44
C THR B 190 -0.58 5.30 -17.24
N ASP B 191 -0.75 4.21 -17.97
CA ASP B 191 0.14 3.05 -17.81
C ASP B 191 1.41 3.17 -18.64
N TYR B 192 1.34 3.76 -19.83
CA TYR B 192 2.50 3.78 -20.69
C TYR B 192 2.69 5.18 -21.26
N VAL B 193 3.94 5.52 -21.52
CA VAL B 193 4.32 6.76 -22.17
C VAL B 193 5.11 6.39 -23.42
N LEU B 194 4.76 7.03 -24.54
CA LEU B 194 5.40 6.77 -25.82
C LEU B 194 5.97 8.09 -26.33
N MET B 195 7.26 8.13 -26.61
CA MET B 195 7.90 9.35 -27.05
C MET B 195 8.75 9.03 -28.26
N MET B 196 8.43 9.67 -29.37
CA MET B 196 9.02 9.37 -30.66
C MET B 196 9.74 10.58 -31.21
N LYS B 197 10.94 10.37 -31.76
CA LYS B 197 11.73 11.42 -32.37
C LYS B 197 11.35 11.50 -33.84
N ILE B 198 10.70 12.58 -34.23
CA ILE B 198 10.30 12.78 -35.61
C ILE B 198 11.39 13.47 -36.42
N ASP B 199 12.05 14.45 -35.81
CA ASP B 199 13.10 15.20 -36.48
C ASP B 199 14.15 15.62 -35.47
N GLU B 200 15.36 15.85 -35.96
CA GLU B 200 16.49 16.24 -35.12
C GLU B 200 17.52 16.92 -36.01
N GLN B 201 17.74 18.22 -35.80
CA GLN B 201 18.65 18.99 -36.63
C GLN B 201 19.47 19.90 -35.72
N ASN B 202 20.78 19.95 -35.94
CA ASN B 202 21.69 20.81 -35.18
C ASN B 202 21.44 20.68 -33.68
N MET B 203 21.34 19.43 -33.22
CA MET B 203 20.95 19.14 -31.86
C MET B 203 22.12 18.48 -31.12
N GLN B 204 22.64 19.17 -30.10
CA GLN B 204 23.60 18.62 -29.16
C GLN B 204 22.89 18.46 -27.83
N GLY B 205 22.89 17.24 -27.29
CA GLY B 205 22.22 16.97 -26.02
C GLY B 205 20.77 16.63 -26.22
N GLY B 206 19.95 16.86 -25.20
CA GLY B 206 18.53 16.57 -25.31
C GLY B 206 18.17 15.11 -25.22
N ASN B 207 19.06 14.28 -24.70
CA ASN B 207 18.71 12.88 -24.52
C ASN B 207 17.48 12.72 -23.65
N SER B 208 16.74 11.65 -23.89
CA SER B 208 15.69 11.28 -22.95
C SER B 208 16.34 10.78 -21.67
N LEU B 209 15.82 11.25 -20.54
CA LEU B 209 16.28 10.78 -19.25
C LEU B 209 15.27 9.78 -18.71
N LEU B 210 15.76 8.69 -18.15
CA LEU B 210 14.92 7.64 -17.61
C LEU B 210 15.42 7.26 -16.22
N LEU B 211 14.48 6.95 -15.33
CA LEU B 211 14.81 6.40 -14.02
C LEU B 211 13.83 5.29 -13.70
N HIS B 212 14.33 4.07 -13.59
CA HIS B 212 13.56 2.95 -13.08
C HIS B 212 13.58 2.98 -11.56
N LEU B 213 12.41 2.80 -10.93
CA LEU B 213 12.33 2.95 -9.48
C LEU B 213 13.29 2.00 -8.77
N ASP B 214 13.54 0.83 -9.34
CA ASP B 214 14.42 -0.12 -8.68
C ASP B 214 15.90 0.19 -8.89
N ASP B 215 16.23 1.20 -9.70
CA ASP B 215 17.57 1.75 -9.78
C ASP B 215 17.73 3.02 -8.96
N TRP B 216 16.68 3.45 -8.26
CA TRP B 216 16.71 4.68 -7.48
C TRP B 216 17.18 4.35 -6.07
N GLU B 217 18.41 4.75 -5.74
CA GLU B 217 19.05 4.40 -4.49
C GLU B 217 18.35 4.99 -3.26
N HIS B 218 17.41 5.92 -3.43
CA HIS B 218 16.71 6.52 -2.30
C HIS B 218 15.28 6.05 -2.20
N LEU B 219 14.89 5.03 -2.97
CA LEU B 219 13.50 4.60 -3.02
C LEU B 219 12.99 4.24 -1.62
N ASP B 220 13.75 3.44 -0.87
CA ASP B 220 13.30 3.00 0.44
C ASP B 220 13.17 4.15 1.44
N ASN B 221 14.11 5.11 1.42
CA ASN B 221 13.90 6.39 2.12
C ASN B 221 12.57 7.03 1.83
N TYR B 222 12.25 7.20 0.59
CA TYR B 222 11.08 8.02 0.44
C TYR B 222 9.82 7.19 0.59
N PHE B 223 9.88 5.93 0.17
CA PHE B 223 8.69 5.08 0.22
C PHE B 223 8.24 4.80 1.66
N ARG B 224 9.19 4.69 2.60
CA ARG B 224 8.78 4.36 3.96
C ARG B 224 8.41 5.59 4.78
N HIS B 225 8.52 6.76 4.19
CA HIS B 225 8.10 7.97 4.89
C HIS B 225 6.58 8.04 4.92
N PRO B 226 5.97 8.46 6.04
CA PRO B 226 4.51 8.58 6.10
C PRO B 226 3.90 9.44 4.99
N LEU B 227 4.63 10.44 4.48
CA LEU B 227 4.10 11.28 3.42
C LEU B 227 4.06 10.58 2.06
N ALA B 228 4.74 9.44 1.92
CA ALA B 228 4.69 8.70 0.66
C ALA B 228 3.30 8.19 0.39
N ARG B 229 2.54 7.94 1.45
CA ARG B 229 1.19 7.40 1.39
C ARG B 229 0.10 8.46 1.54
N ARG B 230 0.46 9.68 1.84
CA ARG B 230 -0.50 10.75 2.03
C ARG B 230 -1.07 11.24 0.70
N PRO B 231 -2.38 11.21 0.50
CA PRO B 231 -2.96 11.80 -0.72
C PRO B 231 -2.67 13.29 -0.76
N MET B 232 -2.11 13.73 -1.87
CA MET B 232 -1.77 15.12 -2.06
C MET B 232 -2.54 15.66 -3.26
N ARG B 233 -2.69 16.98 -3.31
CA ARG B 233 -3.44 17.57 -4.40
C ARG B 233 -2.57 17.70 -5.64
N PHE B 234 -3.13 17.30 -6.78
CA PHE B 234 -2.49 17.47 -8.07
C PHE B 234 -3.40 18.34 -8.92
N ALA B 235 -2.81 19.33 -9.62
CA ALA B 235 -3.59 20.25 -10.42
C ALA B 235 -2.78 20.70 -11.64
N ALA B 236 -3.43 20.62 -12.81
CA ALA B 236 -2.91 21.23 -14.03
C ALA B 236 -3.16 22.73 -13.99
N PRO B 237 -2.52 23.50 -14.86
CA PRO B 237 -2.96 24.88 -15.12
C PRO B 237 -3.99 24.89 -16.23
N PRO B 238 -4.98 25.81 -16.17
CA PRO B 238 -6.03 25.85 -17.20
C PRO B 238 -5.51 26.25 -18.58
N SER B 243 -10.77 21.02 -15.76
CA SER B 243 -10.78 19.77 -15.00
C SER B 243 -10.60 19.97 -13.49
N LYS B 244 -11.22 19.09 -12.72
CA LYS B 244 -11.15 19.10 -11.27
C LYS B 244 -9.74 18.70 -10.81
N ASP B 245 -9.34 19.20 -9.64
CA ASP B 245 -8.11 18.77 -9.00
C ASP B 245 -8.27 17.30 -8.61
N VAL B 246 -7.18 16.57 -8.60
CA VAL B 246 -7.28 15.20 -8.11
C VAL B 246 -6.34 15.04 -6.91
N PHE B 247 -6.65 14.03 -6.11
CA PHE B 247 -5.88 13.74 -4.90
C PHE B 247 -5.42 12.30 -4.96
N HIS B 248 -4.11 12.10 -4.83
CA HIS B 248 -3.57 10.76 -4.74
C HIS B 248 -2.19 10.86 -4.15
N PRO B 249 -1.70 9.80 -3.52
CA PRO B 249 -0.36 9.85 -2.95
C PRO B 249 0.67 9.85 -4.05
N VAL B 250 1.86 10.31 -3.68
CA VAL B 250 2.97 10.33 -4.61
C VAL B 250 3.42 8.90 -4.93
N PHE B 251 3.35 8.02 -3.95
CA PHE B 251 3.69 6.62 -4.13
C PHE B 251 2.44 5.78 -3.97
N ASP B 252 2.45 4.65 -4.66
CA ASP B 252 1.47 3.61 -4.50
C ASP B 252 2.22 2.29 -4.64
N VAL B 253 1.48 1.18 -4.73
CA VAL B 253 2.09 -0.13 -4.88
C VAL B 253 1.45 -0.86 -6.05
N ASP B 254 2.23 -1.73 -6.69
CA ASP B 254 1.64 -2.62 -7.68
C ASP B 254 0.96 -3.77 -6.92
N GLN B 255 0.52 -4.78 -7.67
CA GLN B 255 -0.26 -5.87 -7.08
C GLN B 255 0.55 -6.70 -6.11
N GLN B 256 1.87 -6.65 -6.22
CA GLN B 256 2.74 -7.41 -5.35
C GLN B 256 3.25 -6.58 -4.18
N GLY B 257 2.80 -5.34 -4.04
CA GLY B 257 3.27 -4.49 -2.97
C GLY B 257 4.53 -3.70 -3.27
N ARG B 258 5.02 -3.72 -4.49
CA ARG B 258 6.24 -2.99 -4.84
C ARG B 258 5.91 -1.53 -5.18
N PRO B 259 6.80 -0.60 -4.84
CA PRO B 259 6.46 0.82 -5.04
C PRO B 259 6.27 1.16 -6.51
N VAL B 260 5.23 1.95 -6.76
CA VAL B 260 5.09 2.69 -8.01
C VAL B 260 4.93 4.15 -7.65
N MET B 261 5.08 5.01 -8.66
CA MET B 261 5.07 6.45 -8.45
C MET B 261 4.13 7.15 -9.42
N ARG B 262 3.56 8.24 -8.90
CA ARG B 262 2.72 9.16 -9.66
CA ARG B 262 2.72 9.16 -9.64
C ARG B 262 3.17 10.56 -9.22
N TYR B 263 4.31 11.00 -9.75
CA TYR B 263 4.96 12.22 -9.28
C TYR B 263 5.32 13.12 -10.44
N ILE B 264 5.13 14.43 -10.24
CA ILE B 264 5.70 15.46 -11.10
C ILE B 264 5.80 16.73 -10.28
N ASP B 265 6.92 17.44 -10.41
CA ASP B 265 7.13 18.58 -9.53
C ASP B 265 6.20 19.75 -9.83
N GLN B 266 5.75 19.87 -11.08
CA GLN B 266 4.94 21.03 -11.46
C GLN B 266 3.50 20.96 -10.99
N PHE B 267 2.93 19.76 -10.88
CA PHE B 267 1.50 19.70 -10.63
C PHE B 267 1.14 19.24 -9.22
N VAL B 268 2.09 18.67 -8.48
CA VAL B 268 1.84 18.38 -7.08
C VAL B 268 1.70 19.70 -6.33
N GLN B 269 0.73 19.78 -5.43
CA GLN B 269 0.41 21.02 -4.73
C GLN B 269 0.50 20.73 -3.24
N PRO B 270 1.70 20.72 -2.67
CA PRO B 270 1.83 20.54 -1.22
C PRO B 270 0.95 21.54 -0.50
N LYS B 271 0.17 21.05 0.46
CA LYS B 271 -0.78 21.92 1.12
C LYS B 271 -0.16 22.73 2.25
N ASP B 272 1.05 22.37 2.71
CA ASP B 272 1.64 23.04 3.86
C ASP B 272 3.15 22.84 3.83
N PHE B 273 3.80 23.43 4.84
CA PHE B 273 5.26 23.44 4.95
C PHE B 273 5.82 22.02 5.03
N GLU B 274 5.15 21.14 5.78
CA GLU B 274 5.61 19.76 5.92
C GLU B 274 5.62 19.04 4.59
N GLU B 275 4.52 19.11 3.83
CA GLU B 275 4.48 18.45 2.53
C GLU B 275 5.47 19.11 1.57
N GLY B 276 5.57 20.44 1.60
CA GLY B 276 6.41 21.14 0.64
C GLY B 276 7.88 20.82 0.80
N VAL B 277 8.37 20.83 2.02
CA VAL B 277 9.79 20.54 2.25
C VAL B 277 10.11 19.12 1.82
N TRP B 278 9.24 18.17 2.19
CA TRP B 278 9.47 16.79 1.82
C TRP B 278 9.52 16.61 0.30
N LEU B 279 8.57 17.21 -0.42
CA LEU B 279 8.58 17.08 -1.87
C LEU B 279 9.84 17.69 -2.47
N SER B 280 10.30 18.81 -1.90
CA SER B 280 11.52 19.43 -2.42
C SER B 280 12.75 18.57 -2.13
N GLU B 281 12.74 17.81 -1.03
CA GLU B 281 13.78 16.82 -0.82
C GLU B 281 13.60 15.63 -1.75
N LEU B 282 12.35 15.17 -1.94
CA LEU B 282 12.08 14.11 -2.90
C LEU B 282 12.61 14.49 -4.28
N SER B 283 12.28 15.69 -4.74
CA SER B 283 12.72 16.17 -6.04
C SER B 283 14.25 16.11 -6.16
N ASP B 284 14.96 16.63 -5.16
CA ASP B 284 16.41 16.55 -5.20
CA ASP B 284 16.42 16.55 -5.20
C ASP B 284 16.91 15.11 -5.21
N ALA B 285 16.29 14.24 -4.43
CA ALA B 285 16.76 12.85 -4.39
C ALA B 285 16.55 12.15 -5.73
N ILE B 286 15.55 12.56 -6.50
CA ILE B 286 15.32 11.98 -7.83
C ILE B 286 16.29 12.56 -8.85
N GLU B 287 16.46 13.88 -8.84
CA GLU B 287 17.23 14.54 -9.90
C GLU B 287 18.72 14.21 -9.82
N THR B 288 19.24 13.94 -8.63
CA THR B 288 20.64 13.61 -8.43
C THR B 288 20.90 12.11 -8.41
N SER B 289 19.90 11.30 -8.73
CA SER B 289 20.06 9.86 -8.62
C SER B 289 21.13 9.34 -9.57
N LYS B 290 21.98 8.45 -9.05
CA LYS B 290 22.99 7.78 -9.85
C LYS B 290 22.39 6.76 -10.80
N GLY B 291 21.10 6.46 -10.66
CA GLY B 291 20.47 5.47 -11.49
C GLY B 291 19.90 6.00 -12.77
N ILE B 292 20.00 7.31 -13.01
CA ILE B 292 19.36 7.91 -14.17
C ILE B 292 20.02 7.39 -15.44
N LEU B 293 19.21 7.03 -16.43
CA LEU B 293 19.70 6.65 -17.76
C LEU B 293 19.62 7.85 -18.68
N SER B 294 20.58 7.97 -19.58
CA SER B 294 20.60 9.04 -20.56
C SER B 294 20.55 8.40 -21.94
N VAL B 295 19.40 8.49 -22.61
CA VAL B 295 19.14 7.69 -23.79
C VAL B 295 19.00 8.59 -25.01
N PRO B 296 19.92 8.55 -25.97
CA PRO B 296 19.66 9.23 -27.25
C PRO B 296 18.47 8.55 -27.94
N VAL B 297 17.61 9.37 -28.53
CA VAL B 297 16.48 8.83 -29.29
C VAL B 297 16.62 9.35 -30.73
N PRO B 298 17.26 8.60 -31.61
CA PRO B 298 17.45 9.07 -32.99
C PRO B 298 16.11 9.16 -33.72
N VAL B 299 16.12 9.92 -34.82
CA VAL B 299 14.93 10.08 -35.65
C VAL B 299 14.41 8.72 -36.05
N GLY B 300 13.10 8.53 -35.89
CA GLY B 300 12.47 7.27 -36.21
C GLY B 300 12.37 6.31 -35.06
N LYS B 301 13.05 6.55 -33.95
CA LYS B 301 12.96 5.68 -32.79
C LYS B 301 12.03 6.28 -31.75
N PHE B 302 11.41 5.40 -30.95
CA PHE B 302 10.62 5.88 -29.84
C PHE B 302 10.79 5.01 -28.60
N LEU B 303 10.79 5.68 -27.46
CA LEU B 303 10.70 5.00 -26.18
C LEU B 303 9.25 4.68 -25.88
N LEU B 304 9.05 3.50 -25.30
CA LEU B 304 7.73 3.09 -24.83
C LEU B 304 7.97 2.50 -23.46
N ILE B 305 7.48 3.16 -22.42
CA ILE B 305 7.89 2.82 -21.07
C ILE B 305 6.68 2.67 -20.18
N ASN B 306 6.81 1.79 -19.18
CA ASN B 306 5.78 1.62 -18.16
C ASN B 306 5.84 2.83 -17.22
N ASN B 307 4.79 3.65 -17.27
CA ASN B 307 4.73 4.92 -16.57
C ASN B 307 4.58 4.79 -15.05
N LEU B 308 4.44 3.56 -14.53
CA LEU B 308 4.23 3.38 -13.10
C LEU B 308 5.55 3.23 -12.35
N PHE B 309 6.54 2.57 -12.94
CA PHE B 309 7.83 2.43 -12.26
C PHE B 309 9.00 2.96 -13.08
N TRP B 310 8.74 3.66 -14.19
CA TRP B 310 9.75 4.46 -14.87
C TRP B 310 9.38 5.93 -14.77
N LEU B 311 10.35 6.77 -14.45
CA LEU B 311 10.23 8.20 -14.66
C LEU B 311 11.00 8.60 -15.91
N HIS B 312 10.54 9.67 -16.55
CA HIS B 312 11.23 10.16 -17.72
C HIS B 312 11.36 11.66 -17.65
N GLY B 313 12.30 12.15 -18.41
CA GLY B 313 12.60 13.56 -18.47
C GLY B 313 13.45 13.80 -19.69
N ARG B 314 14.09 14.95 -19.72
CA ARG B 314 14.84 15.30 -20.91
C ARG B 314 16.05 16.12 -20.50
N ASP B 315 17.21 15.77 -21.06
CA ASP B 315 18.42 16.50 -20.74
C ASP B 315 18.39 17.89 -21.36
N ARG B 316 19.28 18.75 -20.86
CA ARG B 316 19.51 20.05 -21.46
C ARG B 316 20.15 19.87 -22.83
N PHE B 317 19.91 20.82 -23.72
CA PHE B 317 20.54 20.78 -25.02
C PHE B 317 21.21 22.11 -25.33
N THR B 318 22.06 22.08 -26.34
CA THR B 318 22.82 23.24 -26.75
C THR B 318 21.94 24.11 -27.64
N PRO B 319 21.73 25.38 -27.29
CA PRO B 319 20.97 26.27 -28.17
C PRO B 319 21.71 26.43 -29.48
N HIS B 320 20.96 26.44 -30.58
CA HIS B 320 21.58 26.64 -31.85
C HIS B 320 20.52 27.32 -32.68
N PRO B 321 20.87 28.38 -33.42
CA PRO B 321 19.85 29.07 -34.25
C PRO B 321 19.06 28.14 -35.14
N ASP B 322 19.73 27.18 -35.77
CA ASP B 322 19.15 26.24 -36.73
C ASP B 322 18.62 24.97 -36.08
N LEU B 323 18.53 24.95 -34.76
CA LEU B 323 18.11 23.76 -34.04
C LEU B 323 16.66 23.43 -34.38
N ARG B 324 16.38 22.16 -34.64
CA ARG B 324 15.01 21.69 -34.80
C ARG B 324 14.88 20.30 -34.20
N ARG B 325 13.95 20.14 -33.26
CA ARG B 325 13.61 18.84 -32.70
C ARG B 325 12.10 18.68 -32.73
N GLU B 326 11.63 17.65 -33.41
CA GLU B 326 10.21 17.34 -33.43
C GLU B 326 9.97 16.03 -32.71
N LEU B 327 9.00 16.02 -31.81
CA LEU B 327 8.64 14.84 -31.04
C LEU B 327 7.18 14.50 -31.23
N MET B 328 6.87 13.23 -31.09
CA MET B 328 5.49 12.78 -31.05
C MET B 328 5.33 11.96 -29.79
N ARG B 329 4.25 12.20 -29.07
CA ARG B 329 3.99 11.51 -27.82
C ARG B 329 2.62 10.87 -27.88
N GLN B 330 2.48 9.74 -27.18
CA GLN B 330 1.20 9.12 -26.90
C GLN B 330 1.25 8.64 -25.47
N ARG B 331 0.11 8.67 -24.81
CA ARG B 331 -0.03 8.18 -23.45
C ARG B 331 -1.31 7.37 -23.38
N GLY B 332 -1.29 6.28 -22.64
CA GLY B 332 -2.50 5.52 -22.56
C GLY B 332 -2.48 4.53 -21.41
N TYR B 333 -3.49 3.68 -21.41
CA TYR B 333 -3.60 2.63 -20.41
C TYR B 333 -3.37 1.28 -21.10
N PHE B 334 -2.95 0.31 -20.31
CA PHE B 334 -2.85 -1.06 -20.79
C PHE B 334 -4.24 -1.68 -20.91
N ALA B 335 -4.40 -2.55 -21.90
CA ALA B 335 -5.59 -3.38 -21.98
C ALA B 335 -5.22 -4.62 -22.76
N TYR B 336 -5.43 -5.79 -22.17
CA TYR B 336 -4.95 -7.02 -22.77
C TYR B 336 -5.74 -8.19 -22.19
N ALA B 337 -5.82 -9.26 -22.99
CA ALA B 337 -6.47 -10.47 -22.52
C ALA B 337 -5.59 -11.20 -21.51
N SER B 338 -6.23 -11.78 -20.49
CA SER B 338 -5.54 -12.61 -19.52
C SER B 338 -6.53 -13.60 -18.92
N ASN B 339 -6.01 -14.69 -18.38
CA ASN B 339 -6.86 -15.66 -17.71
C ASN B 339 -7.07 -15.22 -16.27
N HIS B 340 -8.27 -14.76 -15.94
CA HIS B 340 -8.59 -14.32 -14.59
C HIS B 340 -10.09 -14.51 -14.34
N TYR B 341 -10.49 -14.29 -13.09
CA TYR B 341 -11.80 -14.69 -12.62
C TYR B 341 -12.91 -13.68 -12.93
N GLN B 342 -14.09 -14.22 -13.24
CA GLN B 342 -15.30 -13.45 -13.41
C GLN B 342 -16.50 -14.22 -12.82
FE FE2 C . -11.28 -11.62 19.19
FE FE2 D . 6.27 13.48 -19.70
C1 OGA E . 6.12 15.22 -22.47
C2 OGA E . 7.58 14.87 -22.36
C4 OGA E . 9.84 14.63 -23.44
C5 OGA E . 10.79 15.37 -24.34
O1 OGA E . 5.72 15.95 -23.42
O2 OGA E . 5.28 14.79 -21.63
O2' OGA E . 8.02 14.49 -21.29
O3 OGA E . 11.68 14.75 -24.99
N1 OGA E . 8.44 14.97 -23.50
O4 OGA E . 10.69 16.62 -24.42
#